data_6LR8
#
_entry.id   6LR8
#
_cell.length_a   49.553
_cell.length_b   91.162
_cell.length_c   130.924
_cell.angle_alpha   90.000
_cell.angle_beta   90.000
_cell.angle_gamma   90.000
#
_symmetry.space_group_name_H-M   'P 21 21 21'
#
loop_
_entity.id
_entity.type
_entity.pdbx_description
1 polymer 'PREDICTED: (R)-mandelonitrile lyase'
2 branched 2-acetamido-2-deoxy-beta-D-glucopyranose-(1-4)-2-acetamido-2-deoxy-beta-D-glucopyranose
3 non-polymer 2-acetamido-2-deoxy-beta-D-glucopyranose
4 non-polymer 'FLAVIN-ADENINE DINUCLEOTIDE'
5 water water
#
_entity_poly.entity_id   1
_entity_poly.type   'polypeptide(L)'
_entity_poly.pdbx_seq_one_letter_code
;HHHHHHLANTSAHDFSYLKFVYNATDTSLEGSYDYIVIGGGTSGCPLAATLSEKYKVLLLERGTIATEYPNTLTADGFAY
NLQQQDDGKTPVERFVSEDGIDNVRARILGGTTIINAGVYARANISFYSQTGIEWDLDLVNKTYEWVEDAIVVKPNNQSW
QSVIGEGFLEAGILPDNGFSLDHEAGTRLTGSTFDNNGTRHAADELLNKGDPNNLLVAVQASVEKILFSSNTSNLSAIGV
IYTDSDGNSHQAFVRGNGEVIVSAGTIGTPQLLLLSGVGPESYLSSLNITVVQPNPYVGQFVYDNPRNFINILPPNPIEA
SVVTVLGIRSDYYQVSASSLPFSTPPFSLFPTTSYPLPNSTFAHIVSQVPGPLSHGSVTLNSSSDVRIAPNIKFNYYSNS
TDLANCVSGMKKLGDLLRTKALEPYKARDVLGIDGFNYLGVPLPENQTDDASFETFCLDNVASYWHYHGGSLVGKVLDDS
FRVMGIKALRVVDASTFPYEPNSHPQGFYLMLGRYVGLQILQERSIRLEAIHNIQESM
;
_entity_poly.pdbx_strand_id   A
#
loop_
_chem_comp.id
_chem_comp.type
_chem_comp.name
_chem_comp.formula
FAD non-polymer 'FLAVIN-ADENINE DINUCLEOTIDE' 'C27 H33 N9 O15 P2'
NAG D-saccharide, beta linking 2-acetamido-2-deoxy-beta-D-glucopyranose 'C8 H15 N O6'
#
# COMPACT_ATOMS: atom_id res chain seq x y z
N HIS A 1 29.04 6.50 -2.96
CA HIS A 1 28.35 5.93 -1.80
C HIS A 1 28.07 4.44 -2.02
N HIS A 2 28.79 3.58 -1.29
CA HIS A 2 28.66 2.14 -1.51
C HIS A 2 27.21 1.69 -1.36
N HIS A 3 26.48 2.26 -0.39
CA HIS A 3 25.15 1.76 -0.09
C HIS A 3 24.13 2.04 -1.19
N HIS A 4 24.48 2.80 -2.24
CA HIS A 4 23.54 3.10 -3.31
C HIS A 4 24.05 2.67 -4.69
N HIS A 5 25.17 1.93 -4.74
CA HIS A 5 25.71 1.47 -6.03
C HIS A 5 24.70 0.63 -6.81
N HIS A 6 23.77 0.00 -6.10
CA HIS A 6 22.93 -1.05 -6.66
C HIS A 6 21.61 -0.55 -7.23
N LEU A 7 21.30 0.74 -7.06
CA LEU A 7 19.98 1.23 -7.46
C LEU A 7 19.76 1.06 -8.95
N ALA A 8 18.50 0.90 -9.32
CA ALA A 8 18.11 0.79 -10.71
C ALA A 8 18.39 2.10 -11.44
N ASN A 9 18.43 2.01 -12.75
CA ASN A 9 18.57 3.16 -13.61
C ASN A 9 17.30 3.36 -14.42
N THR A 10 17.30 4.40 -15.24
CA THR A 10 16.17 4.63 -16.13
C THR A 10 16.06 3.48 -17.12
N SER A 11 14.84 2.96 -17.28
CA SER A 11 14.62 1.83 -18.18
C SER A 11 13.13 1.68 -18.42
N ALA A 12 12.80 1.05 -19.54
CA ALA A 12 11.41 0.73 -19.83
C ALA A 12 10.87 -0.22 -18.78
N HIS A 13 9.56 -0.15 -18.56
CA HIS A 13 8.92 -1.13 -17.70
C HIS A 13 9.09 -2.52 -18.32
N ASP A 14 9.61 -3.45 -17.54
CA ASP A 14 10.00 -4.77 -18.04
C ASP A 14 8.82 -5.75 -17.93
N PHE A 15 8.15 -5.99 -19.07
CA PHE A 15 7.05 -6.94 -19.15
C PHE A 15 7.47 -8.31 -19.69
N SER A 16 8.75 -8.67 -19.54
CA SER A 16 9.21 -9.96 -20.06
C SER A 16 8.42 -11.12 -19.44
N TYR A 17 8.00 -10.96 -18.19
CA TYR A 17 7.26 -12.00 -17.47
C TYR A 17 5.93 -12.37 -18.12
N LEU A 18 5.42 -11.57 -19.05
CA LEU A 18 4.14 -11.91 -19.67
C LEU A 18 4.21 -13.24 -20.40
N LYS A 19 5.41 -13.76 -20.68
CA LYS A 19 5.53 -15.06 -21.31
C LYS A 19 4.94 -16.18 -20.46
N PHE A 20 4.80 -16.01 -19.14
CA PHE A 20 4.18 -17.04 -18.32
C PHE A 20 2.94 -16.52 -17.60
N VAL A 21 2.30 -15.51 -18.17
CA VAL A 21 1.02 -14.99 -17.68
C VAL A 21 -0.08 -15.48 -18.61
N TYR A 22 -1.17 -16.01 -18.02
CA TYR A 22 -2.24 -16.62 -18.77
C TYR A 22 -3.59 -16.16 -18.23
N ASN A 23 -4.58 -16.19 -19.09
CA ASN A 23 -5.96 -15.92 -18.70
C ASN A 23 -6.45 -17.07 -17.82
N ALA A 24 -7.15 -16.74 -16.72
CA ALA A 24 -7.70 -17.77 -15.84
C ALA A 24 -8.76 -18.64 -16.52
N THR A 25 -9.23 -18.27 -17.71
CA THR A 25 -10.09 -19.14 -18.48
C THR A 25 -9.40 -20.43 -18.93
N ASP A 26 -8.07 -20.47 -18.87
CA ASP A 26 -7.31 -21.63 -19.34
C ASP A 26 -7.34 -22.73 -18.28
N THR A 27 -8.13 -23.78 -18.52
CA THR A 27 -8.29 -24.86 -17.54
C THR A 27 -7.02 -25.67 -17.34
N SER A 28 -6.05 -25.56 -18.25
CA SER A 28 -4.82 -26.31 -18.04
C SER A 28 -3.99 -25.72 -16.91
N LEU A 29 -4.36 -24.53 -16.41
CA LEU A 29 -3.74 -24.02 -15.19
C LEU A 29 -4.21 -24.76 -13.94
N GLU A 30 -5.35 -25.44 -14.02
CA GLU A 30 -5.83 -26.21 -12.89
C GLU A 30 -4.91 -27.40 -12.66
N GLY A 31 -4.76 -27.77 -11.41
CA GLY A 31 -3.92 -28.90 -11.09
C GLY A 31 -3.18 -28.65 -9.80
N SER A 32 -2.09 -29.39 -9.61
CA SER A 32 -1.37 -29.37 -8.36
C SER A 32 -0.05 -28.62 -8.52
N TYR A 33 0.29 -27.85 -7.50
CA TYR A 33 1.45 -26.99 -7.45
C TYR A 33 2.15 -27.21 -6.12
N ASP A 34 3.39 -26.71 -6.02
CA ASP A 34 4.00 -26.66 -4.72
C ASP A 34 3.48 -25.49 -3.90
N TYR A 35 3.27 -24.33 -4.52
CA TYR A 35 2.76 -23.16 -3.82
C TYR A 35 1.69 -22.48 -4.66
N ILE A 36 0.65 -21.98 -3.99
CA ILE A 36 -0.34 -21.11 -4.60
C ILE A 36 -0.28 -19.80 -3.83
N VAL A 37 -0.06 -18.70 -4.54
CA VAL A 37 -0.07 -17.36 -3.96
C VAL A 37 -1.30 -16.63 -4.47
N ILE A 38 -2.10 -16.12 -3.53
CA ILE A 38 -3.36 -15.46 -3.84
C ILE A 38 -3.14 -13.97 -3.76
N GLY A 39 -3.18 -13.29 -4.90
CA GLY A 39 -2.99 -11.85 -4.95
C GLY A 39 -1.63 -11.50 -5.53
N GLY A 40 -1.61 -11.01 -6.76
CA GLY A 40 -0.36 -10.68 -7.41
C GLY A 40 0.00 -9.24 -7.16
N GLY A 41 0.22 -8.89 -5.89
CA GLY A 41 0.40 -7.50 -5.51
C GLY A 41 1.79 -7.23 -4.98
N THR A 42 1.86 -6.26 -4.06
CA THR A 42 3.13 -5.75 -3.55
C THR A 42 3.96 -6.86 -2.90
N SER A 43 3.37 -7.63 -2.01
CA SER A 43 4.07 -8.77 -1.41
C SER A 43 3.97 -10.00 -2.29
N GLY A 44 2.82 -10.19 -2.94
CA GLY A 44 2.56 -11.45 -3.62
C GLY A 44 3.49 -11.70 -4.79
N CYS A 45 3.81 -10.66 -5.57
CA CYS A 45 4.70 -10.87 -6.71
C CYS A 45 6.10 -11.29 -6.30
N PRO A 46 6.80 -10.57 -5.40
CA PRO A 46 8.14 -11.06 -5.02
C PRO A 46 8.09 -12.37 -4.28
N LEU A 47 7.01 -12.64 -3.54
CA LEU A 47 6.87 -13.95 -2.89
C LEU A 47 6.82 -15.06 -3.92
N ALA A 48 5.96 -14.91 -4.93
CA ALA A 48 5.82 -15.95 -5.95
C ALA A 48 7.11 -16.12 -6.74
N ALA A 49 7.75 -15.01 -7.12
CA ALA A 49 9.02 -15.11 -7.85
C ALA A 49 10.06 -15.85 -7.02
N THR A 50 10.14 -15.54 -5.73
CA THR A 50 11.12 -16.17 -4.86
C THR A 50 10.87 -17.66 -4.72
N LEU A 51 9.63 -18.06 -4.45
CA LEU A 51 9.33 -19.49 -4.32
C LEU A 51 9.63 -20.24 -5.61
N SER A 52 9.42 -19.61 -6.77
CA SER A 52 9.62 -20.27 -8.04
C SER A 52 11.08 -20.58 -8.34
N GLU A 53 12.02 -20.04 -7.55
CA GLU A 53 13.42 -20.39 -7.76
C GLU A 53 13.63 -21.89 -7.61
N LYS A 54 12.80 -22.55 -6.79
CA LYS A 54 12.96 -23.97 -6.52
C LYS A 54 11.72 -24.80 -6.79
N TYR A 55 10.53 -24.22 -6.72
CA TYR A 55 9.30 -24.98 -6.69
C TYR A 55 8.31 -24.46 -7.72
N LYS A 56 7.29 -25.28 -7.99
CA LYS A 56 6.25 -24.90 -8.95
C LYS A 56 5.21 -24.02 -8.26
N VAL A 57 4.97 -22.83 -8.81
CA VAL A 57 4.17 -21.81 -8.17
C VAL A 57 3.06 -21.37 -9.10
N LEU A 58 1.84 -21.26 -8.58
CA LEU A 58 0.74 -20.60 -9.27
C LEU A 58 0.41 -19.31 -8.53
N LEU A 59 0.52 -18.19 -9.22
CA LEU A 59 0.11 -16.89 -8.70
C LEU A 59 -1.23 -16.52 -9.31
N LEU A 60 -2.21 -16.20 -8.47
CA LEU A 60 -3.57 -15.90 -8.91
C LEU A 60 -3.88 -14.44 -8.61
N GLU A 61 -4.23 -13.67 -9.65
CA GLU A 61 -4.54 -12.25 -9.49
C GLU A 61 -5.89 -11.92 -10.12
N ARG A 62 -6.74 -11.22 -9.37
CA ARG A 62 -8.09 -10.93 -9.87
C ARG A 62 -8.11 -9.89 -10.99
N GLY A 63 -7.14 -8.97 -11.02
CA GLY A 63 -7.08 -7.95 -12.04
C GLY A 63 -6.40 -8.45 -13.30
N THR A 64 -6.31 -7.57 -14.28
CA THR A 64 -5.65 -7.89 -15.54
C THR A 64 -4.21 -7.38 -15.50
N ILE A 65 -3.56 -7.34 -16.67
CA ILE A 65 -2.18 -6.89 -16.77
C ILE A 65 -2.15 -5.38 -17.02
N ALA A 66 -1.08 -4.73 -16.55
CA ALA A 66 -1.01 -3.27 -16.56
C ALA A 66 -0.94 -2.68 -17.95
N THR A 67 -0.50 -3.45 -18.94
CA THR A 67 -0.48 -2.95 -20.31
C THR A 67 -1.86 -2.56 -20.80
N GLU A 68 -2.92 -3.10 -20.18
CA GLU A 68 -4.28 -2.75 -20.58
C GLU A 68 -4.69 -1.35 -20.15
N TYR A 69 -3.95 -0.74 -19.22
CA TYR A 69 -4.23 0.58 -18.67
C TYR A 69 -2.95 1.39 -18.69
N PRO A 70 -2.60 1.96 -19.84
CA PRO A 70 -1.27 2.58 -20.01
C PRO A 70 -0.98 3.73 -19.05
N ASN A 71 -2.01 4.37 -18.49
CA ASN A 71 -1.76 5.47 -17.58
C ASN A 71 -1.24 5.00 -16.22
N THR A 72 -1.27 3.69 -15.98
CA THR A 72 -0.58 3.17 -14.79
C THR A 72 0.93 3.13 -14.95
N LEU A 73 1.45 3.40 -16.14
CA LEU A 73 2.86 3.13 -16.40
C LEU A 73 3.73 4.38 -16.40
N THR A 74 3.16 5.54 -16.07
CA THR A 74 3.91 6.79 -16.03
C THR A 74 3.55 7.57 -14.78
N ALA A 75 4.51 8.39 -14.32
CA ALA A 75 4.22 9.33 -13.25
C ALA A 75 3.08 10.28 -13.64
N ASP A 76 3.08 10.72 -14.90
CA ASP A 76 2.07 11.67 -15.37
C ASP A 76 0.67 11.09 -15.30
N GLY A 77 0.53 9.76 -15.29
CA GLY A 77 -0.76 9.12 -15.28
C GLY A 77 -1.35 8.84 -13.92
N PHE A 78 -0.67 9.23 -12.84
CA PHE A 78 -1.14 8.88 -11.49
C PHE A 78 -2.56 9.35 -11.26
N ALA A 79 -2.83 10.63 -11.54
CA ALA A 79 -4.17 11.15 -11.28
C ALA A 79 -5.21 10.47 -12.16
N TYR A 80 -4.86 10.18 -13.41
CA TYR A 80 -5.80 9.58 -14.35
C TYR A 80 -6.45 8.33 -13.79
N ASN A 81 -5.66 7.44 -13.18
CA ASN A 81 -6.22 6.17 -12.74
C ASN A 81 -7.22 6.36 -11.61
N LEU A 82 -7.00 7.37 -10.76
CA LEU A 82 -7.95 7.72 -9.71
C LEU A 82 -9.16 8.48 -10.25
N GLN A 83 -8.97 9.24 -11.33
CA GLN A 83 -10.07 9.98 -11.96
C GLN A 83 -11.01 9.05 -12.73
N GLN A 84 -10.46 7.95 -13.22
CA GLN A 84 -11.21 6.99 -14.03
C GLN A 84 -12.33 6.35 -13.22
N GLN A 85 -13.50 6.23 -13.85
CA GLN A 85 -14.63 5.57 -13.21
C GLN A 85 -14.36 4.08 -12.99
N ASP A 86 -14.84 3.56 -11.88
CA ASP A 86 -14.65 2.16 -11.52
C ASP A 86 -15.74 1.34 -12.19
N ASP A 87 -15.36 0.60 -13.24
CA ASP A 87 -16.31 -0.24 -13.95
C ASP A 87 -16.19 -1.71 -13.59
N GLY A 88 -15.46 -2.04 -12.51
CA GLY A 88 -15.26 -3.40 -12.08
C GLY A 88 -14.06 -4.08 -12.69
N LYS A 89 -13.42 -3.46 -13.68
CA LYS A 89 -12.27 -4.03 -14.38
C LYS A 89 -11.05 -3.12 -14.31
N THR A 90 -11.24 -1.87 -13.89
CA THR A 90 -10.19 -0.89 -13.88
C THR A 90 -9.15 -1.21 -12.79
N PRO A 91 -7.95 -0.65 -12.91
CA PRO A 91 -6.91 -0.95 -11.92
C PRO A 91 -7.18 -0.35 -10.56
N VAL A 92 -8.02 0.67 -10.48
CA VAL A 92 -8.38 1.29 -9.20
C VAL A 92 -9.80 0.86 -8.87
N GLU A 93 -9.97 0.22 -7.72
CA GLU A 93 -11.28 -0.11 -7.19
C GLU A 93 -11.60 0.93 -6.12
N ARG A 94 -12.73 1.64 -6.30
CA ARG A 94 -13.16 2.65 -5.34
C ARG A 94 -13.91 2.02 -4.19
N PHE A 95 -13.74 2.58 -2.98
CA PHE A 95 -14.62 2.22 -1.89
C PHE A 95 -14.76 3.41 -0.96
N VAL A 96 -15.72 3.29 -0.04
CA VAL A 96 -15.94 4.31 0.98
C VAL A 96 -15.99 3.57 2.30
N SER A 97 -15.13 3.96 3.23
CA SER A 97 -15.22 3.35 4.53
C SER A 97 -16.54 3.71 5.20
N GLU A 98 -16.89 2.92 6.22
CA GLU A 98 -18.10 3.22 6.99
C GLU A 98 -18.00 4.54 7.73
N ASP A 99 -16.80 5.07 7.89
CA ASP A 99 -16.61 6.41 8.42
C ASP A 99 -17.04 7.50 7.44
N GLY A 100 -17.21 7.16 6.18
CA GLY A 100 -17.54 8.13 5.15
C GLY A 100 -16.37 8.68 4.37
N ILE A 101 -15.20 8.06 4.45
CA ILE A 101 -13.99 8.57 3.80
C ILE A 101 -13.73 7.77 2.53
N ASP A 102 -13.71 8.47 1.39
CA ASP A 102 -13.43 7.83 0.11
C ASP A 102 -12.04 7.23 0.10
N ASN A 103 -11.89 6.13 -0.64
CA ASN A 103 -10.63 5.38 -0.60
C ASN A 103 -10.55 4.54 -1.87
N VAL A 104 -9.38 3.93 -2.09
CA VAL A 104 -9.15 3.07 -3.24
C VAL A 104 -8.24 1.92 -2.85
N ARG A 105 -8.34 0.83 -3.62
CA ARG A 105 -7.38 -0.26 -3.56
C ARG A 105 -7.12 -0.71 -4.99
N ALA A 106 -6.06 -1.49 -5.16
CA ALA A 106 -5.65 -1.88 -6.50
C ALA A 106 -6.36 -3.15 -6.96
N ARG A 107 -6.47 -3.29 -8.29
CA ARG A 107 -7.10 -4.46 -8.91
C ARG A 107 -6.34 -4.68 -10.22
N ILE A 108 -5.12 -5.22 -10.10
CA ILE A 108 -4.21 -5.26 -11.26
C ILE A 108 -2.99 -6.08 -10.88
N LEU A 109 -2.37 -6.73 -11.86
CA LEU A 109 -1.15 -7.50 -11.60
C LEU A 109 -0.01 -6.52 -11.32
N GLY A 110 0.58 -6.64 -10.13
CA GLY A 110 1.45 -5.64 -9.57
C GLY A 110 0.83 -4.99 -8.34
N GLY A 111 -0.48 -5.14 -8.18
CA GLY A 111 -1.15 -4.61 -7.00
C GLY A 111 -1.00 -3.11 -6.87
N THR A 112 -0.90 -2.65 -5.62
CA THR A 112 -0.98 -1.21 -5.40
C THR A 112 0.29 -0.49 -5.88
N THR A 113 1.39 -1.21 -6.08
CA THR A 113 2.56 -0.58 -6.70
C THR A 113 2.30 -0.10 -8.12
N ILE A 114 1.22 -0.54 -8.75
CA ILE A 114 0.90 -0.09 -10.11
C ILE A 114 0.11 1.22 -10.11
N ILE A 115 -0.45 1.63 -8.97
CA ILE A 115 -1.31 2.80 -8.92
C ILE A 115 -0.86 3.83 -7.89
N ASN A 116 0.24 3.59 -7.18
CA ASN A 116 0.54 4.38 -6.00
C ASN A 116 1.40 5.60 -6.37
N ALA A 117 1.81 6.35 -5.34
CA ALA A 117 2.51 7.61 -5.57
C ALA A 117 4.02 7.44 -5.71
N GLY A 118 4.51 6.20 -5.71
CA GLY A 118 5.89 5.91 -6.08
C GLY A 118 6.93 6.09 -4.99
N VAL A 119 6.55 6.53 -3.79
CA VAL A 119 7.55 6.87 -2.77
C VAL A 119 8.16 5.59 -2.22
N TYR A 120 9.48 5.53 -2.16
CA TYR A 120 10.17 4.32 -1.71
C TYR A 120 11.01 4.61 -0.48
N ALA A 121 10.80 3.82 0.56
CA ALA A 121 11.54 3.93 1.82
C ALA A 121 11.70 2.54 2.43
N ARG A 122 12.82 2.34 3.12
CA ARG A 122 12.99 1.16 3.96
C ARG A 122 12.34 1.39 5.32
N ALA A 123 12.06 0.30 6.03
CA ALA A 123 11.43 0.41 7.34
C ALA A 123 12.34 1.10 8.35
N ASN A 124 11.71 1.87 9.23
CA ASN A 124 12.35 2.37 10.44
C ASN A 124 13.10 1.22 11.12
N ILE A 125 14.40 1.41 11.37
CA ILE A 125 15.19 0.26 11.83
C ILE A 125 14.75 -0.23 13.20
N SER A 126 14.02 0.59 13.97
CA SER A 126 13.46 0.17 15.25
C SER A 126 12.24 -0.73 15.10
N PHE A 127 11.64 -0.79 13.91
CA PHE A 127 10.44 -1.59 13.70
C PHE A 127 10.69 -3.07 14.00
N TYR A 128 11.83 -3.59 13.57
CA TYR A 128 12.09 -5.02 13.69
C TYR A 128 12.07 -5.46 15.15
N SER A 129 12.77 -4.75 16.02
CA SER A 129 12.76 -5.13 17.43
C SER A 129 11.41 -4.85 18.07
N GLN A 130 10.69 -3.81 17.61
CA GLN A 130 9.35 -3.55 18.10
C GLN A 130 8.44 -4.76 17.92
N THR A 131 8.53 -5.42 16.76
CA THR A 131 7.65 -6.55 16.48
C THR A 131 7.95 -7.73 17.38
N GLY A 132 9.20 -7.88 17.81
CA GLY A 132 9.62 -9.07 18.53
C GLY A 132 9.82 -10.29 17.67
N ILE A 133 9.59 -10.20 16.35
CA ILE A 133 9.93 -11.28 15.45
C ILE A 133 11.44 -11.42 15.40
N GLU A 134 11.92 -12.66 15.35
CA GLU A 134 13.37 -12.86 15.23
C GLU A 134 13.77 -12.75 13.76
N TRP A 135 13.87 -11.50 13.33
CA TRP A 135 14.25 -11.20 11.95
C TRP A 135 15.70 -11.58 11.70
N ASP A 136 15.96 -12.07 10.50
CA ASP A 136 17.33 -12.20 9.99
C ASP A 136 17.65 -10.86 9.34
N LEU A 137 18.29 -9.96 10.11
CA LEU A 137 18.44 -8.58 9.66
C LEU A 137 19.40 -8.44 8.48
N ASP A 138 20.44 -9.29 8.42
CA ASP A 138 21.28 -9.27 7.23
C ASP A 138 20.47 -9.64 6.00
N LEU A 139 19.61 -10.65 6.11
CA LEU A 139 18.79 -11.07 4.97
C LEU A 139 17.78 -10.00 4.59
N VAL A 140 17.18 -9.33 5.59
CA VAL A 140 16.29 -8.20 5.31
C VAL A 140 16.98 -7.19 4.41
N ASN A 141 18.22 -6.85 4.74
CA ASN A 141 18.91 -5.82 3.98
C ASN A 141 19.28 -6.31 2.58
N LYS A 142 19.74 -7.57 2.45
CA LYS A 142 19.98 -8.12 1.12
C LYS A 142 18.71 -8.11 0.29
N THR A 143 17.57 -8.31 0.94
CA THR A 143 16.31 -8.37 0.22
C THR A 143 15.86 -6.99 -0.24
N TYR A 144 16.02 -5.96 0.61
CA TYR A 144 15.82 -4.58 0.14
C TYR A 144 16.65 -4.31 -1.11
N GLU A 145 17.91 -4.76 -1.12
CA GLU A 145 18.77 -4.48 -2.26
C GLU A 145 18.31 -5.21 -3.51
N TRP A 146 17.78 -6.42 -3.35
CA TRP A 146 17.21 -7.17 -4.46
C TRP A 146 16.02 -6.45 -5.08
N VAL A 147 15.14 -5.87 -4.26
CA VAL A 147 14.05 -5.05 -4.77
C VAL A 147 14.58 -3.79 -5.44
N GLU A 148 15.49 -3.09 -4.76
CA GLU A 148 15.93 -1.77 -5.20
C GLU A 148 16.71 -1.85 -6.51
N ASP A 149 17.48 -2.94 -6.70
CA ASP A 149 18.20 -3.14 -7.95
C ASP A 149 17.25 -3.19 -9.15
N ALA A 150 16.02 -3.64 -8.94
CA ALA A 150 15.08 -3.81 -10.03
C ALA A 150 14.23 -2.57 -10.29
N ILE A 151 13.81 -1.84 -9.24
CA ILE A 151 12.73 -0.87 -9.45
C ILE A 151 12.87 0.48 -8.75
N VAL A 152 13.97 0.74 -8.04
CA VAL A 152 14.10 1.97 -7.25
C VAL A 152 15.23 2.82 -7.81
N VAL A 153 14.96 4.13 -7.99
CA VAL A 153 16.01 5.05 -8.42
C VAL A 153 16.21 6.14 -7.39
N LYS A 154 17.36 6.82 -7.49
CA LYS A 154 17.55 8.11 -6.85
C LYS A 154 16.87 9.19 -7.71
N PRO A 155 15.87 9.90 -7.19
CA PRO A 155 15.14 10.86 -8.01
C PRO A 155 16.01 12.06 -8.37
N ASN A 156 15.79 12.56 -9.59
CA ASN A 156 16.36 13.84 -9.99
C ASN A 156 15.66 14.97 -9.24
N ASN A 157 16.29 16.15 -9.28
CA ASN A 157 15.72 17.33 -8.66
C ASN A 157 14.39 17.71 -9.29
N GLN A 158 13.46 18.13 -8.44
CA GLN A 158 12.20 18.73 -8.87
C GLN A 158 12.03 20.01 -8.07
N SER A 159 11.69 21.11 -8.75
CA SER A 159 11.71 22.41 -8.09
C SER A 159 10.81 22.45 -6.86
N TRP A 160 9.58 21.92 -6.96
CA TRP A 160 8.68 22.01 -5.80
C TRP A 160 9.16 21.15 -4.65
N GLN A 161 9.66 19.95 -4.94
CA GLN A 161 10.18 19.11 -3.86
C GLN A 161 11.35 19.78 -3.15
N SER A 162 12.18 20.52 -3.90
CA SER A 162 13.30 21.21 -3.26
C SER A 162 12.80 22.36 -2.40
N VAL A 163 11.78 23.10 -2.88
CA VAL A 163 11.18 24.15 -2.06
C VAL A 163 10.68 23.57 -0.75
N ILE A 164 9.93 22.48 -0.83
CA ILE A 164 9.33 21.88 0.34
C ILE A 164 10.42 21.38 1.30
N GLY A 165 11.50 20.84 0.75
CA GLY A 165 12.60 20.37 1.59
C GLY A 165 13.28 21.51 2.32
N GLU A 166 13.55 22.61 1.61
CA GLU A 166 14.09 23.79 2.29
C GLU A 166 13.12 24.28 3.37
N GLY A 167 11.81 24.22 3.10
CA GLY A 167 10.86 24.64 4.10
C GLY A 167 10.84 23.74 5.32
N PHE A 168 10.85 22.42 5.11
CA PHE A 168 10.88 21.48 6.23
C PHE A 168 12.08 21.76 7.13
N LEU A 169 13.24 22.00 6.52
CA LEU A 169 14.45 22.25 7.29
C LEU A 169 14.34 23.56 8.05
N GLU A 170 13.88 24.60 7.37
CA GLU A 170 13.71 25.90 8.02
C GLU A 170 12.68 25.82 9.14
N ALA A 171 11.66 24.97 8.99
CA ALA A 171 10.64 24.82 10.01
C ALA A 171 11.08 23.94 11.16
N GLY A 172 12.29 23.41 11.11
CA GLY A 172 12.84 22.65 12.21
C GLY A 172 12.78 21.14 12.08
N ILE A 173 12.40 20.61 10.92
CA ILE A 173 12.40 19.16 10.76
C ILE A 173 13.82 18.72 10.41
N LEU A 174 14.63 18.57 11.44
CA LEU A 174 16.05 18.36 11.35
C LEU A 174 16.41 16.95 11.81
N PRO A 175 17.58 16.43 11.42
CA PRO A 175 18.60 17.06 10.57
C PRO A 175 18.34 16.90 9.08
N ASP A 176 19.23 17.47 8.30
CA ASP A 176 19.23 17.27 6.85
C ASP A 176 19.89 15.93 6.56
N ASN A 177 19.11 14.97 6.08
CA ASN A 177 19.64 13.65 5.81
C ASN A 177 20.07 13.46 4.36
N GLY A 178 19.99 14.51 3.54
CA GLY A 178 20.39 14.39 2.14
C GLY A 178 19.55 13.35 1.42
N PHE A 179 20.19 12.58 0.55
CA PHE A 179 19.51 11.46 -0.12
C PHE A 179 19.69 10.19 0.71
N SER A 180 18.59 9.60 1.13
CA SER A 180 18.65 8.41 1.97
C SER A 180 17.36 7.61 1.80
N LEU A 181 17.50 6.29 1.76
CA LEU A 181 16.32 5.42 1.70
C LEU A 181 15.72 5.16 3.07
N ASP A 182 16.38 5.58 4.14
CA ASP A 182 16.00 5.15 5.48
C ASP A 182 15.01 6.09 6.14
N HIS A 183 14.04 5.49 6.83
CA HIS A 183 13.07 6.24 7.61
C HIS A 183 13.74 6.67 8.91
N GLU A 184 14.17 7.93 8.95
CA GLU A 184 14.83 8.53 10.11
C GLU A 184 14.28 9.94 10.28
N ALA A 185 14.27 10.41 11.53
CA ALA A 185 13.87 11.79 11.79
C ALA A 185 14.70 12.74 10.96
N GLY A 186 14.05 13.78 10.45
CA GLY A 186 14.70 14.79 9.65
C GLY A 186 14.11 14.85 8.26
N THR A 187 14.77 15.64 7.40
CA THR A 187 14.30 15.90 6.06
C THR A 187 15.24 15.22 5.07
N ARG A 188 14.68 14.54 4.08
CA ARG A 188 15.52 13.84 3.13
C ARG A 188 14.85 13.74 1.77
N LEU A 189 15.67 13.51 0.76
CA LEU A 189 15.24 12.95 -0.51
C LEU A 189 15.27 11.44 -0.38
N THR A 190 14.15 10.77 -0.67
CA THR A 190 14.12 9.32 -0.58
C THR A 190 14.05 8.73 -1.99
N GLY A 191 13.99 7.40 -2.08
CA GLY A 191 13.90 6.75 -3.37
C GLY A 191 12.52 6.85 -3.97
N SER A 192 12.43 6.49 -5.25
CA SER A 192 11.15 6.44 -5.96
C SER A 192 11.11 5.24 -6.89
N THR A 193 9.92 4.69 -7.07
CA THR A 193 9.68 3.67 -8.07
C THR A 193 9.24 4.25 -9.40
N PHE A 194 9.15 5.58 -9.52
CA PHE A 194 9.15 6.24 -10.82
C PHE A 194 10.60 6.51 -11.18
N ASP A 195 11.00 6.15 -12.40
CA ASP A 195 12.38 6.48 -12.76
C ASP A 195 12.44 7.92 -13.27
N ASN A 196 13.65 8.35 -13.62
CA ASN A 196 13.82 9.76 -13.93
C ASN A 196 13.37 10.13 -15.34
N ASN A 197 12.86 9.15 -16.08
CA ASN A 197 12.11 9.36 -17.31
C ASN A 197 10.60 9.42 -17.05
N GLY A 198 10.18 9.28 -15.79
CA GLY A 198 8.77 9.20 -15.47
C GLY A 198 8.14 7.83 -15.65
N THR A 199 8.93 6.81 -15.98
CA THR A 199 8.37 5.46 -16.15
C THR A 199 8.12 4.83 -14.79
N ARG A 200 6.91 4.29 -14.60
CA ARG A 200 6.62 3.59 -13.35
C ARG A 200 7.23 2.20 -13.37
N HIS A 201 7.95 1.87 -12.30
CA HIS A 201 8.40 0.51 -12.04
C HIS A 201 7.63 -0.03 -10.85
N ALA A 202 7.44 -1.35 -10.79
CA ALA A 202 6.46 -1.88 -9.85
C ALA A 202 6.73 -3.35 -9.53
N ALA A 203 5.93 -3.87 -8.60
CA ALA A 203 6.10 -5.23 -8.11
C ALA A 203 5.99 -6.29 -9.20
N ASP A 204 5.22 -6.02 -10.25
CA ASP A 204 5.09 -7.00 -11.33
C ASP A 204 6.45 -7.27 -11.97
N GLU A 205 7.32 -6.28 -12.02
CA GLU A 205 8.64 -6.50 -12.61
C GLU A 205 9.49 -7.45 -11.79
N LEU A 206 9.18 -7.63 -10.49
CA LEU A 206 9.91 -8.62 -9.72
C LEU A 206 9.57 -10.03 -10.17
N LEU A 207 8.47 -10.22 -10.90
CA LEU A 207 8.19 -11.51 -11.51
C LEU A 207 9.28 -11.91 -12.50
N ASN A 208 10.00 -10.93 -13.04
CA ASN A 208 11.10 -11.22 -13.96
C ASN A 208 12.25 -11.92 -13.26
N LYS A 209 12.31 -11.86 -11.93
CA LYS A 209 13.32 -12.59 -11.18
C LYS A 209 12.88 -14.01 -10.85
N GLY A 210 11.65 -14.38 -11.20
CA GLY A 210 11.22 -15.75 -11.02
C GLY A 210 11.77 -16.66 -12.09
N ASP A 211 11.69 -17.95 -11.85
CA ASP A 211 12.15 -18.94 -12.81
C ASP A 211 11.02 -19.20 -13.81
N PRO A 212 11.20 -18.88 -15.09
CA PRO A 212 10.09 -18.98 -16.04
C PRO A 212 9.64 -20.41 -16.32
N ASN A 213 10.41 -21.40 -15.89
CA ASN A 213 10.01 -22.80 -15.99
C ASN A 213 9.17 -23.26 -14.81
N ASN A 214 9.13 -22.49 -13.73
CA ASN A 214 8.43 -22.89 -12.52
C ASN A 214 7.27 -22.00 -12.15
N LEU A 215 7.19 -20.80 -12.69
CA LEU A 215 6.20 -19.82 -12.26
C LEU A 215 5.12 -19.68 -13.32
N LEU A 216 3.86 -19.79 -12.90
CA LEU A 216 2.71 -19.51 -13.73
C LEU A 216 1.86 -18.46 -13.04
N VAL A 217 1.34 -17.52 -13.82
CA VAL A 217 0.48 -16.45 -13.31
C VAL A 217 -0.84 -16.52 -14.06
N ALA A 218 -1.93 -16.55 -13.31
CA ALA A 218 -3.27 -16.48 -13.89
C ALA A 218 -3.85 -15.13 -13.55
N VAL A 219 -4.23 -14.37 -14.56
CA VAL A 219 -4.86 -13.07 -14.35
C VAL A 219 -6.36 -13.17 -14.60
N GLN A 220 -7.08 -12.17 -14.10
CA GLN A 220 -8.54 -12.21 -13.97
C GLN A 220 -8.98 -13.54 -13.35
N ALA A 221 -8.28 -13.90 -12.28
CA ALA A 221 -8.55 -15.07 -11.45
C ALA A 221 -9.06 -14.54 -10.11
N SER A 222 -10.37 -14.66 -9.90
CA SER A 222 -11.00 -14.17 -8.67
C SER A 222 -11.04 -15.34 -7.69
N VAL A 223 -10.17 -15.32 -6.68
CA VAL A 223 -10.12 -16.44 -5.73
C VAL A 223 -11.25 -16.29 -4.73
N GLU A 224 -12.15 -17.27 -4.70
CA GLU A 224 -13.40 -17.23 -3.94
C GLU A 224 -13.35 -17.98 -2.63
N LYS A 225 -12.50 -18.99 -2.51
CA LYS A 225 -12.51 -19.85 -1.34
C LYS A 225 -11.16 -20.54 -1.22
N ILE A 226 -10.67 -20.64 0.00
CA ILE A 226 -9.57 -21.55 0.32
C ILE A 226 -10.19 -22.90 0.67
N LEU A 227 -9.63 -23.98 0.10
CA LEU A 227 -10.08 -25.34 0.35
C LEU A 227 -9.23 -25.98 1.44
N PHE A 228 -9.86 -26.82 2.27
CA PHE A 228 -9.18 -27.44 3.39
C PHE A 228 -9.36 -28.95 3.38
N SER A 229 -8.45 -29.62 4.07
CA SER A 229 -8.54 -31.05 4.30
C SER A 229 -9.78 -31.37 5.13
N SER A 230 -10.23 -32.62 5.03
CA SER A 230 -11.41 -33.09 5.75
C SER A 230 -11.07 -34.20 6.74
N ASN A 234 -5.80 -33.11 11.76
CA ASN A 234 -4.80 -32.12 11.36
C ASN A 234 -5.30 -31.26 10.20
N LEU A 235 -5.86 -30.11 10.53
CA LEU A 235 -6.46 -29.23 9.54
C LEU A 235 -5.39 -28.56 8.69
N SER A 236 -5.54 -28.64 7.36
CA SER A 236 -4.57 -28.08 6.43
C SER A 236 -5.30 -27.41 5.29
N ALA A 237 -4.73 -26.32 4.78
CA ALA A 237 -5.18 -25.81 3.50
C ALA A 237 -4.65 -26.72 2.41
N ILE A 238 -5.49 -27.02 1.41
CA ILE A 238 -5.09 -27.88 0.30
C ILE A 238 -5.21 -27.21 -1.06
N GLY A 239 -5.88 -26.08 -1.18
CA GLY A 239 -6.05 -25.48 -2.50
C GLY A 239 -7.03 -24.33 -2.47
N VAL A 240 -7.48 -23.95 -3.66
CA VAL A 240 -8.37 -22.79 -3.83
C VAL A 240 -9.38 -23.05 -4.92
N ILE A 241 -10.49 -22.33 -4.85
CA ILE A 241 -11.46 -22.17 -5.93
C ILE A 241 -11.33 -20.75 -6.45
N TYR A 242 -11.24 -20.61 -7.77
CA TYR A 242 -11.22 -19.27 -8.36
C TYR A 242 -12.12 -19.27 -9.58
N THR A 243 -12.65 -18.09 -9.91
CA THR A 243 -13.46 -17.98 -11.11
C THR A 243 -12.78 -17.08 -12.13
N ASP A 244 -13.08 -17.31 -13.40
CA ASP A 244 -12.49 -16.52 -14.46
C ASP A 244 -13.44 -15.40 -14.88
N SER A 245 -13.00 -14.63 -15.89
CA SER A 245 -13.74 -13.44 -16.30
C SER A 245 -15.06 -13.78 -16.96
N ASP A 246 -15.23 -15.02 -17.43
CA ASP A 246 -16.49 -15.48 -17.97
C ASP A 246 -17.40 -16.05 -16.89
N GLY A 247 -16.92 -16.17 -15.66
CA GLY A 247 -17.69 -16.66 -14.54
C GLY A 247 -17.52 -18.12 -14.22
N ASN A 248 -16.78 -18.87 -15.02
CA ASN A 248 -16.61 -20.30 -14.74
C ASN A 248 -15.60 -20.52 -13.63
N SER A 249 -15.79 -21.62 -12.91
CA SER A 249 -15.01 -21.95 -11.73
C SER A 249 -13.87 -22.90 -12.08
N HIS A 250 -12.81 -22.83 -11.27
CA HIS A 250 -11.58 -23.57 -11.45
C HIS A 250 -11.04 -23.93 -10.08
N GLN A 251 -10.27 -25.02 -10.00
CA GLN A 251 -9.67 -25.42 -8.75
C GLN A 251 -8.19 -25.71 -8.94
N ALA A 252 -7.38 -25.29 -7.97
CA ALA A 252 -5.95 -25.62 -7.96
C ALA A 252 -5.57 -26.03 -6.56
N PHE A 253 -4.57 -26.91 -6.46
CA PHE A 253 -4.20 -27.51 -5.19
C PHE A 253 -2.70 -27.41 -4.97
N VAL A 254 -2.30 -27.46 -3.70
CA VAL A 254 -0.90 -27.65 -3.36
C VAL A 254 -0.69 -29.12 -3.03
N ARG A 255 0.57 -29.52 -3.02
CA ARG A 255 0.94 -30.91 -2.85
C ARG A 255 2.07 -31.04 -1.82
N GLY A 256 2.15 -32.21 -1.20
CA GLY A 256 3.28 -32.51 -0.34
C GLY A 256 3.44 -31.48 0.75
N ASN A 257 4.66 -30.95 0.87
CA ASN A 257 4.98 -29.98 1.91
C ASN A 257 4.76 -28.54 1.44
N GLY A 258 3.97 -28.35 0.38
CA GLY A 258 3.70 -27.03 -0.14
C GLY A 258 2.60 -26.31 0.62
N GLU A 259 2.34 -25.07 0.19
CA GLU A 259 1.53 -24.15 0.99
C GLU A 259 0.74 -23.19 0.11
N VAL A 260 -0.40 -22.76 0.65
CA VAL A 260 -1.18 -21.64 0.12
C VAL A 260 -0.79 -20.40 0.90
N ILE A 261 -0.46 -19.32 0.20
CA ILE A 261 -0.21 -18.05 0.86
C ILE A 261 -1.21 -17.02 0.37
N VAL A 262 -1.86 -16.34 1.29
CA VAL A 262 -2.80 -15.27 0.97
C VAL A 262 -2.06 -13.94 0.98
N SER A 263 -2.07 -13.25 -0.15
CA SER A 263 -1.40 -11.97 -0.32
C SER A 263 -2.38 -10.98 -0.95
N ALA A 264 -3.63 -11.04 -0.52
CA ALA A 264 -4.73 -10.31 -1.15
C ALA A 264 -4.96 -8.92 -0.54
N GLY A 265 -4.07 -8.47 0.34
CA GLY A 265 -4.12 -7.12 0.88
C GLY A 265 -4.92 -7.02 2.17
N THR A 266 -4.83 -5.83 2.77
CA THR A 266 -5.56 -5.52 3.98
C THR A 266 -7.06 -5.84 3.85
N ILE A 267 -7.63 -5.55 2.69
CA ILE A 267 -9.05 -5.78 2.47
C ILE A 267 -9.30 -7.20 2.00
N GLY A 268 -8.52 -7.66 1.01
CA GLY A 268 -8.82 -8.93 0.40
C GLY A 268 -8.48 -10.15 1.25
N THR A 269 -7.42 -10.07 2.07
CA THR A 269 -7.05 -11.26 2.82
C THR A 269 -8.06 -11.58 3.93
N PRO A 270 -8.46 -10.65 4.79
CA PRO A 270 -9.51 -10.99 5.76
C PRO A 270 -10.80 -11.39 5.10
N GLN A 271 -11.18 -10.73 3.99
CA GLN A 271 -12.40 -11.13 3.30
C GLN A 271 -12.35 -12.60 2.89
N LEU A 272 -11.24 -13.03 2.27
CA LEU A 272 -11.16 -14.41 1.79
C LEU A 272 -11.09 -15.40 2.95
N LEU A 273 -10.38 -15.04 4.04
CA LEU A 273 -10.37 -15.91 5.20
C LEU A 273 -11.78 -16.09 5.76
N LEU A 274 -12.52 -14.99 5.90
CA LEU A 274 -13.88 -15.08 6.44
C LEU A 274 -14.77 -15.92 5.54
N LEU A 275 -14.73 -15.66 4.23
CA LEU A 275 -15.54 -16.45 3.30
C LEU A 275 -15.21 -17.92 3.39
N SER A 276 -13.97 -18.25 3.76
CA SER A 276 -13.52 -19.62 3.83
C SER A 276 -13.75 -20.26 5.19
N GLY A 277 -14.39 -19.56 6.12
CA GLY A 277 -14.67 -20.14 7.42
C GLY A 277 -13.56 -19.99 8.45
N VAL A 278 -12.63 -19.07 8.24
CA VAL A 278 -11.57 -18.79 9.20
C VAL A 278 -11.87 -17.42 9.79
N GLY A 279 -12.27 -17.39 11.06
CA GLY A 279 -12.63 -16.13 11.66
C GLY A 279 -13.48 -16.30 12.90
N PRO A 280 -14.08 -15.20 13.35
CA PRO A 280 -14.77 -15.21 14.64
C PRO A 280 -15.98 -16.14 14.61
N GLU A 281 -16.03 -17.05 15.60
CA GLU A 281 -16.98 -18.15 15.56
C GLU A 281 -18.43 -17.66 15.58
N SER A 282 -18.76 -16.76 16.50
CA SER A 282 -20.14 -16.29 16.60
C SER A 282 -20.53 -15.52 15.35
N TYR A 283 -19.61 -14.68 14.84
CA TYR A 283 -19.88 -13.91 13.63
C TYR A 283 -20.13 -14.82 12.44
N LEU A 284 -19.23 -15.78 12.18
CA LEU A 284 -19.41 -16.64 11.02
C LEU A 284 -20.65 -17.51 11.18
N SER A 285 -20.94 -17.97 12.41
CA SER A 285 -22.12 -18.78 12.62
C SER A 285 -23.39 -17.98 12.35
N SER A 286 -23.37 -16.68 12.68
CA SER A 286 -24.53 -15.83 12.43
C SER A 286 -24.78 -15.64 10.94
N LEU A 287 -23.79 -15.91 10.09
CA LEU A 287 -23.96 -15.86 8.64
C LEU A 287 -24.20 -17.23 8.05
N ASN A 288 -24.24 -18.27 8.88
CA ASN A 288 -24.34 -19.66 8.45
C ASN A 288 -23.18 -20.05 7.54
N ILE A 289 -22.00 -19.49 7.83
CA ILE A 289 -20.76 -19.94 7.24
C ILE A 289 -20.16 -20.97 8.19
N THR A 290 -19.93 -22.18 7.69
CA THR A 290 -19.35 -23.22 8.53
C THR A 290 -17.95 -22.81 8.96
N VAL A 291 -17.69 -22.90 10.27
CA VAL A 291 -16.40 -22.49 10.80
C VAL A 291 -15.40 -23.63 10.61
N VAL A 292 -14.34 -23.34 9.88
CA VAL A 292 -13.21 -24.25 9.73
C VAL A 292 -12.21 -24.06 10.86
N GLN A 293 -11.93 -22.80 11.19
CA GLN A 293 -10.97 -22.45 12.23
C GLN A 293 -11.46 -21.20 12.94
N PRO A 294 -11.90 -21.29 14.18
CA PRO A 294 -12.33 -20.11 14.91
C PRO A 294 -11.12 -19.26 15.30
N ASN A 295 -11.21 -17.98 15.03
CA ASN A 295 -10.19 -17.03 15.43
C ASN A 295 -10.86 -15.68 15.55
N PRO A 296 -10.90 -15.09 16.74
CA PRO A 296 -11.68 -13.88 16.93
C PRO A 296 -11.09 -12.66 16.25
N TYR A 297 -9.91 -12.75 15.66
CA TYR A 297 -9.20 -11.56 15.21
C TYR A 297 -9.14 -11.40 13.70
N VAL A 298 -9.72 -12.31 12.93
CA VAL A 298 -9.70 -12.17 11.47
C VAL A 298 -10.58 -10.99 11.08
N GLY A 299 -9.97 -10.02 10.40
CA GLY A 299 -10.68 -8.80 10.06
C GLY A 299 -10.78 -7.81 11.19
N GLN A 300 -10.18 -8.09 12.33
CA GLN A 300 -10.10 -7.13 13.42
C GLN A 300 -8.75 -6.43 13.38
N PHE A 301 -8.67 -5.30 14.08
CA PHE A 301 -7.45 -4.50 14.13
C PHE A 301 -7.00 -4.10 12.72
N VAL A 302 -7.90 -3.40 12.05
CA VAL A 302 -7.68 -2.83 10.72
C VAL A 302 -7.50 -1.34 10.92
N TYR A 303 -6.45 -0.78 10.31
CA TYR A 303 -5.95 0.57 10.60
C TYR A 303 -5.86 1.38 9.32
N ASP A 304 -6.15 2.68 9.41
CA ASP A 304 -5.86 3.60 8.30
C ASP A 304 -5.23 4.87 8.87
N ASN A 305 -3.95 5.06 8.61
CA ASN A 305 -3.27 6.27 9.06
C ASN A 305 -3.96 7.50 8.46
N PRO A 306 -4.39 8.45 9.28
CA PRO A 306 -5.02 9.67 8.76
C PRO A 306 -4.08 10.50 7.90
N ARG A 307 -4.65 11.09 6.85
CA ARG A 307 -4.01 12.16 6.08
C ARG A 307 -4.75 13.45 6.35
N ASN A 308 -4.03 14.48 6.77
CA ASN A 308 -4.60 15.81 6.85
C ASN A 308 -3.74 16.75 6.02
N PHE A 309 -4.35 17.83 5.54
CA PHE A 309 -3.73 18.54 4.44
C PHE A 309 -4.29 19.94 4.34
N ILE A 310 -3.51 20.80 3.69
CA ILE A 310 -4.01 22.04 3.12
C ILE A 310 -3.53 22.13 1.69
N ASN A 311 -4.22 22.95 0.90
CA ASN A 311 -3.89 23.16 -0.52
C ASN A 311 -3.65 24.64 -0.73
N ILE A 312 -2.49 24.99 -1.28
CA ILE A 312 -2.24 26.39 -1.61
C ILE A 312 -2.20 26.57 -3.12
N LEU A 313 -2.66 27.74 -3.56
CA LEU A 313 -2.76 28.12 -4.96
C LEU A 313 -1.81 29.29 -5.20
N PRO A 314 -0.58 29.03 -5.64
CA PRO A 314 0.37 30.13 -5.82
C PRO A 314 -0.09 31.07 -6.92
N PRO A 315 0.30 32.35 -6.86
CA PRO A 315 -0.11 33.31 -7.89
C PRO A 315 0.62 33.15 -9.21
N ASN A 316 1.69 32.38 -9.25
CA ASN A 316 2.39 31.99 -10.46
C ASN A 316 2.43 30.47 -10.55
N PRO A 317 2.41 29.91 -11.76
CA PRO A 317 2.35 28.44 -11.87
C PRO A 317 3.57 27.77 -11.23
N ILE A 318 3.33 26.65 -10.57
CA ILE A 318 4.40 25.78 -10.13
C ILE A 318 4.37 24.51 -10.96
N GLU A 319 5.52 23.84 -11.03
CA GLU A 319 5.64 22.61 -11.80
C GLU A 319 5.13 21.44 -10.99
N ALA A 320 4.35 20.58 -11.65
CA ALA A 320 3.90 19.33 -11.03
C ALA A 320 5.09 18.46 -10.67
N SER A 321 4.94 17.69 -9.59
CA SER A 321 6.03 16.87 -9.10
C SER A 321 5.46 15.61 -8.46
N VAL A 322 6.25 14.56 -8.48
CA VAL A 322 5.97 13.39 -7.64
C VAL A 322 6.71 13.57 -6.33
N VAL A 323 6.15 12.99 -5.27
CA VAL A 323 6.69 13.17 -3.94
C VAL A 323 8.01 12.42 -3.81
N THR A 324 9.05 13.16 -3.41
CA THR A 324 10.35 12.55 -3.16
C THR A 324 10.99 13.07 -1.89
N VAL A 325 10.49 14.17 -1.31
CA VAL A 325 11.14 14.83 -0.18
C VAL A 325 10.23 14.68 1.02
N LEU A 326 10.78 14.10 2.09
CA LEU A 326 10.00 13.70 3.26
C LEU A 326 10.51 14.44 4.49
N GLY A 327 9.58 14.94 5.29
CA GLY A 327 9.92 15.52 6.57
C GLY A 327 9.38 14.66 7.68
N ILE A 328 10.28 14.01 8.43
CA ILE A 328 9.92 12.94 9.34
C ILE A 328 10.18 13.38 10.78
N ARG A 329 9.15 13.29 11.61
CA ARG A 329 9.26 13.28 13.06
C ARG A 329 8.60 12.02 13.58
N SER A 330 8.84 11.68 14.85
CA SER A 330 8.19 10.51 15.42
C SER A 330 6.68 10.66 15.47
N ASP A 331 6.17 11.89 15.59
CA ASP A 331 4.74 12.05 15.73
C ASP A 331 4.02 12.53 14.47
N TYR A 332 4.73 12.72 13.36
CA TYR A 332 4.08 13.06 12.09
C TYR A 332 5.07 12.92 10.95
N TYR A 333 4.55 12.49 9.79
CA TYR A 333 5.34 12.34 8.58
C TYR A 333 4.74 13.23 7.50
N GLN A 334 5.55 14.12 6.94
CA GLN A 334 5.01 15.17 6.08
C GLN A 334 5.65 15.16 4.69
N VAL A 335 4.84 15.48 3.68
CA VAL A 335 5.27 15.60 2.29
C VAL A 335 4.40 16.64 1.61
N SER A 336 4.74 16.95 0.36
CA SER A 336 3.85 17.76 -0.46
C SER A 336 3.99 17.35 -1.91
N ALA A 337 2.86 17.25 -2.60
CA ALA A 337 2.85 17.08 -4.05
C ALA A 337 2.39 18.39 -4.69
N SER A 338 2.89 18.67 -5.89
CA SER A 338 2.36 19.78 -6.67
C SER A 338 1.65 19.19 -7.88
N SER A 339 0.55 19.83 -8.27
CA SER A 339 -0.33 19.21 -9.25
C SER A 339 -0.87 20.26 -10.20
N LEU A 340 -1.17 19.82 -11.42
CA LEU A 340 -1.96 20.61 -12.33
C LEU A 340 -3.39 20.71 -11.83
N PRO A 341 -4.15 21.71 -12.30
CA PRO A 341 -5.57 21.77 -11.98
C PRO A 341 -6.31 20.60 -12.64
N PHE A 342 -7.55 20.40 -12.20
CA PHE A 342 -8.39 19.39 -12.84
C PHE A 342 -9.85 19.74 -12.63
N SER A 343 -10.68 19.29 -13.57
CA SER A 343 -12.13 19.41 -13.47
C SER A 343 -12.81 18.10 -13.13
N THR A 344 -12.09 16.98 -13.21
CA THR A 344 -12.57 15.70 -12.71
C THR A 344 -11.68 15.33 -11.54
N PRO A 345 -12.20 15.11 -10.33
CA PRO A 345 -11.32 14.87 -9.19
C PRO A 345 -10.73 13.48 -9.23
N PRO A 346 -9.45 13.31 -8.86
CA PRO A 346 -8.93 11.98 -8.57
C PRO A 346 -9.62 11.45 -7.32
N PHE A 347 -10.36 10.35 -7.48
CA PHE A 347 -11.18 9.86 -6.39
C PHE A 347 -10.31 9.51 -5.19
N SER A 348 -10.71 9.98 -4.01
CA SER A 348 -10.13 9.80 -2.69
C SER A 348 -8.93 10.71 -2.43
N LEU A 349 -8.42 11.48 -3.40
CA LEU A 349 -7.46 12.52 -3.07
C LEU A 349 -8.06 13.45 -2.03
N PHE A 350 -9.28 13.85 -2.24
CA PHE A 350 -10.04 14.50 -1.20
C PHE A 350 -11.10 13.53 -0.67
N PRO A 351 -11.53 13.68 0.59
CA PRO A 351 -12.27 12.59 1.24
C PRO A 351 -13.70 12.41 0.76
N THR A 352 -14.27 13.39 0.06
CA THR A 352 -15.59 13.22 -0.54
C THR A 352 -15.57 13.79 -1.95
N THR A 353 -16.60 13.42 -2.72
CA THR A 353 -16.71 13.90 -4.09
C THR A 353 -17.16 15.34 -4.17
N SER A 354 -17.67 15.91 -3.09
CA SER A 354 -18.05 17.33 -3.05
C SER A 354 -16.93 18.08 -2.35
N TYR A 355 -15.90 18.38 -3.12
CA TYR A 355 -14.74 19.11 -2.67
C TYR A 355 -14.42 20.10 -3.78
N PRO A 356 -14.05 21.32 -3.45
CA PRO A 356 -13.81 22.32 -4.50
C PRO A 356 -12.69 21.91 -5.44
N LEU A 357 -12.87 22.21 -6.73
CA LEU A 357 -11.94 21.86 -7.78
C LEU A 357 -10.92 22.98 -7.99
N PRO A 358 -9.64 22.63 -8.15
CA PRO A 358 -8.62 23.65 -8.44
C PRO A 358 -8.64 24.06 -9.90
N ASN A 359 -8.59 25.36 -10.16
CA ASN A 359 -8.53 25.85 -11.54
C ASN A 359 -7.15 26.35 -11.94
N SER A 360 -6.17 26.27 -11.04
CA SER A 360 -4.77 26.59 -11.35
C SER A 360 -3.90 25.57 -10.62
N THR A 361 -2.59 25.68 -10.80
CA THR A 361 -1.69 24.71 -10.17
C THR A 361 -1.75 24.87 -8.65
N PHE A 362 -1.53 23.77 -7.95
CA PHE A 362 -1.66 23.83 -6.49
C PHE A 362 -0.69 22.87 -5.85
N ALA A 363 -0.38 23.18 -4.59
CA ALA A 363 0.45 22.33 -3.77
C ALA A 363 -0.44 21.70 -2.71
N HIS A 364 -0.43 20.37 -2.67
CA HIS A 364 -1.13 19.59 -1.67
C HIS A 364 -0.09 19.30 -0.58
N ILE A 365 -0.28 19.87 0.61
CA ILE A 365 0.72 19.84 1.69
C ILE A 365 0.12 18.99 2.80
N VAL A 366 0.82 17.90 3.16
CA VAL A 366 0.19 16.77 3.84
C VAL A 366 0.95 16.39 5.10
N SER A 367 0.21 15.90 6.10
CA SER A 367 0.80 15.29 7.27
C SER A 367 0.09 13.97 7.57
N GLN A 368 0.88 12.96 7.97
CA GLN A 368 0.40 11.62 8.27
C GLN A 368 0.55 11.33 9.75
N VAL A 369 -0.51 10.81 10.36
CA VAL A 369 -0.49 10.38 11.77
C VAL A 369 0.16 9.00 11.86
N PRO A 370 1.19 8.81 12.69
CA PRO A 370 1.77 7.47 12.84
C PRO A 370 0.87 6.53 13.61
N GLY A 371 1.11 5.23 13.41
CA GLY A 371 0.32 4.19 14.02
C GLY A 371 -0.66 3.64 13.01
N PRO A 372 -1.91 4.13 13.04
CA PRO A 372 -2.49 4.98 14.09
C PRO A 372 -2.88 4.08 15.24
N LEU A 373 -3.33 4.67 16.35
CA LEU A 373 -3.80 3.85 17.45
C LEU A 373 -5.26 3.49 17.32
N SER A 374 -6.03 4.28 16.59
CA SER A 374 -7.42 3.94 16.30
C SER A 374 -7.47 2.77 15.34
N HIS A 375 -8.45 1.88 15.55
CA HIS A 375 -8.59 0.73 14.67
C HIS A 375 -10.06 0.39 14.50
N GLY A 376 -10.33 -0.32 13.41
CA GLY A 376 -11.65 -0.82 13.11
C GLY A 376 -11.57 -2.23 12.57
N SER A 377 -12.40 -2.54 11.56
CA SER A 377 -12.53 -3.92 11.14
C SER A 377 -12.95 -4.03 9.68
N VAL A 378 -12.69 -5.22 9.14
CA VAL A 378 -13.24 -5.68 7.86
C VAL A 378 -14.27 -6.75 8.17
N THR A 379 -15.48 -6.60 7.65
CA THR A 379 -16.52 -7.61 7.77
C THR A 379 -17.14 -7.84 6.40
N LEU A 380 -17.84 -8.97 6.25
CA LEU A 380 -18.40 -9.30 4.95
C LEU A 380 -19.66 -8.50 4.67
N ASN A 381 -19.80 -8.09 3.41
CA ASN A 381 -21.07 -7.56 2.91
C ASN A 381 -21.89 -8.70 2.34
N SER A 382 -21.26 -9.51 1.50
CA SER A 382 -21.84 -10.73 0.96
C SER A 382 -21.19 -11.93 1.63
N SER A 383 -22.01 -12.89 2.03
CA SER A 383 -21.46 -14.11 2.62
C SER A 383 -20.99 -15.12 1.56
N SER A 384 -21.07 -14.80 0.27
CA SER A 384 -20.60 -15.74 -0.74
C SER A 384 -19.77 -15.11 -1.85
N ASP A 385 -19.95 -13.84 -2.18
CA ASP A 385 -19.43 -13.26 -3.42
C ASP A 385 -18.19 -12.43 -3.11
N VAL A 386 -17.01 -12.95 -3.51
CA VAL A 386 -15.77 -12.25 -3.22
C VAL A 386 -15.62 -10.98 -4.06
N ARG A 387 -16.39 -10.83 -5.13
CA ARG A 387 -16.31 -9.61 -5.92
C ARG A 387 -17.13 -8.47 -5.33
N ILE A 388 -17.95 -8.74 -4.31
CA ILE A 388 -18.65 -7.69 -3.57
C ILE A 388 -17.73 -7.25 -2.43
N ALA A 389 -17.37 -5.97 -2.44
CA ALA A 389 -16.36 -5.50 -1.50
C ALA A 389 -16.86 -5.68 -0.07
N PRO A 390 -15.98 -6.00 0.88
CA PRO A 390 -16.39 -6.06 2.27
C PRO A 390 -16.65 -4.68 2.85
N ASN A 391 -17.31 -4.67 4.00
CA ASN A 391 -17.47 -3.45 4.79
C ASN A 391 -16.18 -3.16 5.53
N ILE A 392 -15.71 -1.93 5.49
CA ILE A 392 -14.48 -1.59 6.19
C ILE A 392 -14.71 -0.30 6.95
N LYS A 393 -14.35 -0.31 8.23
CA LYS A 393 -14.47 0.85 9.10
C LYS A 393 -13.13 1.04 9.80
N PHE A 394 -12.66 2.28 9.84
CA PHE A 394 -11.35 2.57 10.43
C PHE A 394 -11.43 3.31 11.76
N ASN A 395 -12.57 3.90 12.08
CA ASN A 395 -12.76 4.64 13.34
C ASN A 395 -11.70 5.72 13.52
N TYR A 396 -11.51 6.54 12.49
CA TYR A 396 -10.54 7.63 12.55
C TYR A 396 -10.71 8.46 13.82
N TYR A 397 -9.59 8.70 14.51
CA TYR A 397 -9.50 9.59 15.66
C TYR A 397 -10.38 9.12 16.83
N SER A 398 -10.70 7.83 16.88
CA SER A 398 -11.37 7.31 18.07
C SER A 398 -10.41 7.29 19.26
N ASN A 399 -9.12 7.19 19.00
CA ASN A 399 -8.09 7.21 20.03
C ASN A 399 -7.52 8.61 20.13
N SER A 400 -7.58 9.20 21.32
CA SER A 400 -7.21 10.60 21.47
C SER A 400 -5.74 10.87 21.17
N THR A 401 -4.86 9.87 21.26
CA THR A 401 -3.46 10.09 20.91
C THR A 401 -3.32 10.44 19.44
N ASP A 402 -4.12 9.81 18.60
CA ASP A 402 -4.09 10.13 17.17
C ASP A 402 -4.45 11.59 16.94
N LEU A 403 -5.49 12.07 17.62
CA LEU A 403 -5.90 13.45 17.47
C LEU A 403 -4.80 14.40 17.92
N ALA A 404 -4.19 14.11 19.08
CA ALA A 404 -3.08 14.93 19.55
C ALA A 404 -1.94 14.98 18.54
N ASN A 405 -1.65 13.85 17.89
CA ASN A 405 -0.57 13.84 16.91
C ASN A 405 -0.95 14.63 15.66
N CYS A 406 -2.22 14.57 15.23
CA CYS A 406 -2.66 15.41 14.12
C CYS A 406 -2.51 16.89 14.45
N VAL A 407 -2.91 17.27 15.67
CA VAL A 407 -2.76 18.66 16.08
C VAL A 407 -1.30 19.09 15.97
N SER A 408 -0.37 18.25 16.44
CA SER A 408 1.05 18.58 16.34
C SER A 408 1.48 18.72 14.89
N GLY A 409 1.06 17.78 14.05
CA GLY A 409 1.43 17.87 12.64
C GLY A 409 0.87 19.12 11.97
N MET A 410 -0.37 19.48 12.30
CA MET A 410 -0.97 20.67 11.67
C MET A 410 -0.26 21.94 12.11
N LYS A 411 0.13 22.01 13.38
CA LYS A 411 0.92 23.15 13.84
C LYS A 411 2.24 23.22 13.08
N LYS A 412 2.87 22.08 12.82
CA LYS A 412 4.11 22.09 12.05
C LYS A 412 3.86 22.51 10.59
N LEU A 413 2.70 22.16 10.02
CA LEU A 413 2.40 22.69 8.70
C LEU A 413 2.25 24.20 8.73
N GLY A 414 1.71 24.74 9.82
CA GLY A 414 1.70 26.19 10.00
C GLY A 414 3.10 26.77 10.01
N ASP A 415 4.03 26.13 10.72
CA ASP A 415 5.41 26.57 10.69
C ASP A 415 5.96 26.55 9.27
N LEU A 416 5.62 25.50 8.51
CA LEU A 416 6.11 25.38 7.15
C LEU A 416 5.62 26.53 6.29
N LEU A 417 4.34 26.89 6.42
CA LEU A 417 3.77 27.98 5.64
C LEU A 417 4.39 29.33 5.99
N ARG A 418 5.04 29.43 7.15
CA ARG A 418 5.66 30.66 7.60
C ARG A 418 7.14 30.79 7.22
N THR A 419 7.69 29.82 6.49
CA THR A 419 9.11 29.85 6.16
C THR A 419 9.38 30.82 5.01
N LYS A 420 10.62 31.31 4.96
CA LYS A 420 11.07 32.01 3.76
C LYS A 420 10.94 31.15 2.52
N ALA A 421 11.12 29.84 2.67
CA ALA A 421 11.05 28.95 1.52
C ALA A 421 9.71 29.05 0.83
N LEU A 422 8.63 29.18 1.60
CA LEU A 422 7.28 29.18 1.03
C LEU A 422 6.74 30.58 0.75
N GLU A 423 7.39 31.61 1.29
CA GLU A 423 6.96 32.99 1.08
C GLU A 423 6.70 33.37 -0.40
N PRO A 424 7.52 32.97 -1.37
CA PRO A 424 7.26 33.37 -2.77
C PRO A 424 5.97 32.83 -3.34
N TYR A 425 5.30 31.92 -2.65
CA TYR A 425 4.09 31.29 -3.16
C TYR A 425 2.84 31.87 -2.54
N LYS A 426 2.99 32.95 -1.77
CA LYS A 426 1.85 33.68 -1.26
C LYS A 426 1.28 34.59 -2.35
N ALA A 427 -0.04 34.74 -2.33
CA ALA A 427 -0.72 35.65 -3.25
C ALA A 427 -0.63 37.09 -2.79
N ARG A 428 -0.52 37.31 -1.48
CA ARG A 428 -0.43 38.64 -0.89
C ARG A 428 0.79 38.67 0.02
N ASP A 429 1.62 39.71 -0.12
CA ASP A 429 2.84 39.83 0.65
C ASP A 429 2.55 40.50 2.00
N VAL A 430 1.67 39.85 2.76
CA VAL A 430 1.34 40.25 4.12
C VAL A 430 2.09 39.37 5.10
N LEU A 431 2.04 39.73 6.38
CA LEU A 431 2.85 39.03 7.36
C LEU A 431 2.32 37.63 7.66
N GLY A 432 1.01 37.43 7.59
CA GLY A 432 0.42 36.20 8.04
C GLY A 432 0.27 35.15 6.94
N ILE A 433 -0.07 33.92 7.36
CA ILE A 433 -0.30 32.86 6.38
C ILE A 433 -1.63 33.01 5.68
N ASP A 434 -2.47 33.97 6.07
CA ASP A 434 -3.62 34.25 5.22
C ASP A 434 -3.22 34.93 3.90
N GLY A 435 -1.92 35.21 3.71
CA GLY A 435 -1.46 35.70 2.43
C GLY A 435 -1.46 34.63 1.34
N PHE A 436 -1.54 33.36 1.71
CA PHE A 436 -1.74 32.32 0.72
C PHE A 436 -3.19 32.27 0.29
N ASN A 437 -3.43 31.90 -0.95
CA ASN A 437 -4.75 31.48 -1.41
C ASN A 437 -4.87 29.98 -1.20
N TYR A 438 -5.98 29.55 -0.63
CA TYR A 438 -6.20 28.15 -0.28
C TYR A 438 -7.30 27.57 -1.15
N LEU A 439 -7.10 26.32 -1.56
CA LEU A 439 -8.18 25.48 -2.05
C LEU A 439 -8.71 24.68 -0.87
N GLY A 440 -10.00 24.85 -0.56
CA GLY A 440 -10.56 24.16 0.58
C GLY A 440 -10.30 24.91 1.88
N VAL A 441 -10.20 24.16 2.97
CA VAL A 441 -10.18 24.73 4.32
C VAL A 441 -8.74 25.11 4.66
N PRO A 442 -8.47 26.36 5.04
CA PRO A 442 -7.13 26.72 5.51
C PRO A 442 -6.92 26.27 6.95
N LEU A 443 -5.66 26.32 7.40
CA LEU A 443 -5.39 26.07 8.81
C LEU A 443 -6.09 27.12 9.67
N PRO A 444 -6.52 26.75 10.89
CA PRO A 444 -7.15 27.67 11.84
C PRO A 444 -6.36 28.96 12.07
N ASP A 449 -5.46 28.02 20.13
CA ASP A 449 -5.40 26.86 21.01
C ASP A 449 -5.92 25.61 20.30
N ASP A 450 -5.81 24.46 20.97
CA ASP A 450 -5.92 23.17 20.28
C ASP A 450 -7.33 22.85 19.80
N ALA A 451 -8.37 23.48 20.37
CA ALA A 451 -9.74 23.12 20.01
C ALA A 451 -10.02 23.39 18.53
N SER A 452 -9.46 24.47 17.99
CA SER A 452 -9.68 24.76 16.57
C SER A 452 -8.92 23.78 15.69
N PHE A 453 -7.72 23.37 16.13
CA PHE A 453 -6.95 22.37 15.39
C PHE A 453 -7.61 21.00 15.48
N GLU A 454 -8.15 20.64 16.65
CA GLU A 454 -8.84 19.37 16.78
C GLU A 454 -10.03 19.29 15.84
N THR A 455 -10.83 20.36 15.77
CA THR A 455 -11.95 20.42 14.85
C THR A 455 -11.48 20.27 13.40
N PHE A 456 -10.40 20.96 13.05
CA PHE A 456 -9.85 20.85 11.70
C PHE A 456 -9.43 19.42 11.40
N CYS A 457 -8.71 18.79 12.32
CA CYS A 457 -8.26 17.41 12.10
C CYS A 457 -9.44 16.47 11.89
N LEU A 458 -10.45 16.57 12.76
CA LEU A 458 -11.60 15.67 12.67
C LEU A 458 -12.41 15.92 11.41
N ASP A 459 -12.62 17.18 11.04
CA ASP A 459 -13.53 17.49 9.95
C ASP A 459 -12.91 17.21 8.59
N ASN A 460 -11.59 17.33 8.46
CA ASN A 460 -10.98 17.35 7.14
C ASN A 460 -10.09 16.14 6.88
N VAL A 461 -10.24 15.07 7.66
CA VAL A 461 -9.39 13.90 7.52
C VAL A 461 -9.68 13.18 6.20
N ALA A 462 -8.62 12.64 5.60
CA ALA A 462 -8.70 11.80 4.43
C ALA A 462 -7.87 10.55 4.69
N SER A 463 -7.94 9.58 3.77
CA SER A 463 -7.08 8.41 3.90
C SER A 463 -5.68 8.72 3.40
N TYR A 464 -4.67 8.25 4.13
CA TYR A 464 -3.32 8.28 3.55
C TYR A 464 -3.10 7.17 2.53
N TRP A 465 -4.02 6.20 2.45
CA TRP A 465 -3.99 5.06 1.56
C TRP A 465 -3.06 3.97 2.08
N HIS A 466 -2.48 4.15 3.27
CA HIS A 466 -1.51 3.20 3.82
C HIS A 466 -2.15 2.31 4.85
N TYR A 467 -3.36 1.81 4.59
CA TYR A 467 -4.06 1.02 5.57
C TYR A 467 -3.42 -0.37 5.70
N HIS A 468 -3.63 -0.98 6.85
CA HIS A 468 -2.94 -2.22 7.20
C HIS A 468 -3.73 -2.91 8.30
N GLY A 469 -3.39 -4.18 8.53
CA GLY A 469 -4.00 -4.96 9.58
C GLY A 469 -5.10 -5.87 9.07
N GLY A 470 -5.74 -6.57 10.02
CA GLY A 470 -6.80 -7.51 9.72
C GLY A 470 -6.40 -8.97 9.78
N SER A 471 -5.10 -9.28 9.73
CA SER A 471 -4.60 -10.64 9.88
C SER A 471 -3.27 -10.58 10.64
N LEU A 472 -3.31 -10.00 11.83
CA LEU A 472 -2.08 -9.57 12.48
C LEU A 472 -1.21 -10.75 12.90
N VAL A 473 0.10 -10.59 12.72
CA VAL A 473 1.04 -11.41 13.46
C VAL A 473 0.77 -11.24 14.96
N GLY A 474 0.65 -12.36 15.66
CA GLY A 474 0.34 -12.35 17.07
C GLY A 474 -1.13 -12.49 17.40
N LYS A 475 -2.01 -12.39 16.40
CA LYS A 475 -3.44 -12.55 16.59
C LYS A 475 -3.99 -13.63 15.67
N VAL A 476 -3.73 -13.52 14.38
CA VAL A 476 -4.11 -14.53 13.40
C VAL A 476 -2.92 -15.39 13.00
N LEU A 477 -1.73 -14.79 12.93
CA LEU A 477 -0.53 -15.47 12.43
C LEU A 477 0.53 -15.63 13.51
N ASP A 478 1.38 -16.65 13.33
CA ASP A 478 2.56 -16.75 14.18
C ASP A 478 3.70 -15.93 13.56
N ASP A 479 4.90 -16.01 14.16
CA ASP A 479 6.04 -15.21 13.73
C ASP A 479 6.61 -15.66 12.39
N SER A 480 6.17 -16.80 11.85
CA SER A 480 6.53 -17.22 10.52
C SER A 480 5.43 -16.94 9.51
N PHE A 481 4.42 -16.18 9.93
CA PHE A 481 3.30 -15.76 9.08
C PHE A 481 2.34 -16.90 8.77
N ARG A 482 2.39 -17.98 9.55
CA ARG A 482 1.44 -19.08 9.40
C ARG A 482 0.13 -18.76 10.10
N VAL A 483 -0.99 -19.12 9.46
CA VAL A 483 -2.27 -18.96 10.13
C VAL A 483 -2.35 -19.96 11.27
N MET A 484 -2.53 -19.47 12.48
CA MET A 484 -2.49 -20.36 13.64
C MET A 484 -3.62 -21.37 13.56
N GLY A 485 -3.28 -22.63 13.85
CA GLY A 485 -4.23 -23.72 13.82
C GLY A 485 -4.38 -24.42 12.48
N ILE A 486 -3.77 -23.91 11.42
CA ILE A 486 -3.97 -24.43 10.07
C ILE A 486 -2.61 -24.70 9.45
N LYS A 487 -2.39 -25.93 9.01
CA LYS A 487 -1.16 -26.24 8.29
C LYS A 487 -1.24 -25.75 6.85
N ALA A 488 -0.07 -25.44 6.28
CA ALA A 488 0.08 -25.14 4.86
C ALA A 488 -0.68 -23.87 4.44
N LEU A 489 -0.82 -22.90 5.33
CA LEU A 489 -1.51 -21.65 5.02
C LEU A 489 -0.76 -20.50 5.66
N ARG A 490 -0.35 -19.52 4.87
CA ARG A 490 0.30 -18.33 5.39
C ARG A 490 -0.38 -17.10 4.82
N VAL A 491 -0.07 -15.95 5.42
CA VAL A 491 -0.53 -14.65 4.94
C VAL A 491 0.68 -13.73 4.86
N VAL A 492 0.87 -13.08 3.73
CA VAL A 492 2.00 -12.14 3.56
C VAL A 492 1.52 -10.96 2.74
N ASP A 493 1.31 -9.82 3.40
CA ASP A 493 0.87 -8.55 2.78
C ASP A 493 0.66 -7.54 3.91
N ALA A 494 0.04 -6.39 3.61
CA ALA A 494 -0.09 -5.38 4.66
C ALA A 494 -1.15 -5.71 5.71
N SER A 495 -1.86 -6.83 5.60
CA SER A 495 -2.78 -7.20 6.67
C SER A 495 -2.07 -7.66 7.93
N THR A 496 -0.74 -7.80 7.90
CA THR A 496 -0.04 -8.56 8.92
C THR A 496 0.47 -7.73 10.09
N PHE A 497 0.52 -6.39 9.98
CA PHE A 497 1.07 -5.58 11.06
C PHE A 497 0.10 -4.49 11.50
N PRO A 498 0.10 -4.15 12.80
CA PRO A 498 -0.81 -3.13 13.31
C PRO A 498 -0.26 -1.72 13.32
N TYR A 499 0.99 -1.52 12.94
CA TYR A 499 1.54 -0.18 12.85
C TYR A 499 2.34 -0.10 11.56
N GLU A 500 2.61 1.12 11.12
CA GLU A 500 3.40 1.29 9.92
C GLU A 500 4.85 0.87 10.14
N PRO A 501 5.52 0.39 9.10
CA PRO A 501 6.97 0.22 9.19
C PRO A 501 7.72 1.53 8.99
N ASN A 502 7.06 2.55 8.46
CA ASN A 502 7.66 3.83 8.06
C ASN A 502 6.56 4.69 7.47
N SER A 503 6.94 5.81 6.85
CA SER A 503 5.94 6.72 6.30
C SER A 503 5.32 6.19 5.02
N HIS A 504 6.01 5.30 4.33
CA HIS A 504 5.63 4.87 2.99
C HIS A 504 6.00 3.40 2.91
N PRO A 505 5.03 2.51 3.06
CA PRO A 505 5.32 1.11 3.37
C PRO A 505 5.55 0.18 2.19
N GLN A 506 5.44 0.63 0.93
CA GLN A 506 5.59 -0.31 -0.17
C GLN A 506 6.96 -0.99 -0.14
N GLY A 507 8.02 -0.24 0.21
CA GLY A 507 9.34 -0.86 0.26
C GLY A 507 9.40 -2.01 1.27
N PHE A 508 8.77 -1.83 2.43
CA PHE A 508 8.75 -2.91 3.40
C PHE A 508 7.97 -4.12 2.88
N TYR A 509 6.79 -3.90 2.28
CA TYR A 509 6.00 -5.06 1.86
C TYR A 509 6.53 -5.71 0.60
N LEU A 510 7.27 -4.99 -0.24
CA LEU A 510 8.00 -5.63 -1.33
C LEU A 510 9.07 -6.55 -0.77
N MET A 511 9.87 -6.03 0.17
CA MET A 511 10.88 -6.85 0.83
C MET A 511 10.24 -8.06 1.50
N LEU A 512 9.13 -7.85 2.21
CA LEU A 512 8.52 -8.90 3.02
C LEU A 512 8.10 -10.10 2.15
N GLY A 513 7.59 -9.84 0.96
CA GLY A 513 7.20 -10.93 0.08
C GLY A 513 8.36 -11.87 -0.20
N ARG A 514 9.49 -11.31 -0.61
CA ARG A 514 10.65 -12.16 -0.87
C ARG A 514 11.20 -12.76 0.43
N TYR A 515 11.27 -11.94 1.49
CA TYR A 515 11.82 -12.43 2.75
C TYR A 515 11.08 -13.65 3.26
N VAL A 516 9.74 -13.59 3.28
CA VAL A 516 9.00 -14.76 3.76
C VAL A 516 9.14 -15.92 2.79
N GLY A 517 9.24 -15.64 1.49
CA GLY A 517 9.51 -16.72 0.55
C GLY A 517 10.81 -17.43 0.87
N LEU A 518 11.86 -16.67 1.18
CA LEU A 518 13.13 -17.27 1.57
C LEU A 518 12.99 -18.06 2.86
N GLN A 519 12.21 -17.55 3.82
CA GLN A 519 11.99 -18.30 5.06
C GLN A 519 11.28 -19.62 4.77
N ILE A 520 10.27 -19.59 3.89
CA ILE A 520 9.59 -20.82 3.51
C ILE A 520 10.57 -21.81 2.92
N LEU A 521 11.39 -21.36 1.97
CA LEU A 521 12.34 -22.26 1.34
C LEU A 521 13.33 -22.82 2.36
N GLN A 522 13.83 -21.97 3.26
CA GLN A 522 14.82 -22.44 4.23
C GLN A 522 14.21 -23.46 5.20
N GLU A 523 13.00 -23.19 5.70
CA GLU A 523 12.35 -24.14 6.59
C GLU A 523 12.17 -25.48 5.89
N ARG A 524 11.90 -25.44 4.59
CA ARG A 524 11.62 -26.67 3.88
C ARG A 524 12.89 -27.48 3.66
N SER A 525 14.03 -26.82 3.44
CA SER A 525 15.27 -27.52 3.15
C SER A 525 15.78 -28.28 4.38
C1 NAG B . 10.82 4.43 14.74
C2 NAG B . 10.23 5.76 15.12
C3 NAG B . 10.27 5.94 16.62
C4 NAG B . 9.69 4.76 17.39
C5 NAG B . 10.07 3.39 16.81
C6 NAG B . 9.09 2.31 17.22
C7 NAG B . 10.45 7.64 13.54
C8 NAG B . 11.35 8.73 13.05
N2 NAG B . 10.97 6.85 14.49
O3 NAG B . 9.53 7.12 16.95
O4 NAG B . 10.26 4.82 18.69
O5 NAG B . 10.08 3.39 15.37
O6 NAG B . 9.74 1.06 17.41
O7 NAG B . 9.31 7.48 13.09
C1 NAG B . 9.35 4.58 19.78
C2 NAG B . 10.22 4.48 21.03
C3 NAG B . 9.42 4.87 22.25
C4 NAG B . 9.11 6.36 22.19
C5 NAG B . 8.63 6.77 20.79
C6 NAG B . 9.62 7.62 20.03
C7 NAG B . 12.07 2.87 20.97
C8 NAG B . 12.49 1.45 21.17
N2 NAG B . 10.78 3.14 21.18
O3 NAG B . 10.17 4.57 23.42
O4 NAG B . 8.12 6.70 23.15
O5 NAG B . 8.33 5.62 19.96
O6 NAG B . 9.46 9.00 20.34
O7 NAG B . 12.87 3.75 20.63
C1 NAG C . -29.12 -19.76 9.29
C2 NAG C . -30.08 -18.59 9.14
C3 NAG C . -31.22 -18.72 10.12
C4 NAG C . -31.92 -20.06 9.93
C5 NAG C . -30.91 -21.22 9.96
C6 NAG C . -31.51 -22.54 9.58
C7 NAG C . -28.90 -16.64 8.25
C8 NAG C . -28.25 -15.31 8.56
N2 NAG C . -29.41 -17.30 9.29
O3 NAG C . -32.15 -17.66 9.91
O4 NAG C . -32.88 -20.26 10.96
O5 NAG C . -29.83 -20.97 9.03
O6 NAG C . -30.63 -23.61 9.85
O7 NAG C . -28.96 -17.09 7.10
C1 NAG D . -5.35 4.39 22.59
C2 NAG D . -6.23 3.78 23.68
C3 NAG D . -5.37 3.27 24.84
C4 NAG D . -4.29 2.32 24.32
C5 NAG D . -3.50 3.00 23.20
C6 NAG D . -2.48 2.08 22.57
C7 NAG D . -8.53 4.52 24.01
C8 NAG D . -9.43 5.60 24.56
N2 NAG D . -7.22 4.73 24.15
O3 NAG D . -6.20 2.58 25.77
O4 NAG D . -3.41 1.96 25.37
O5 NAG D . -4.39 3.42 22.17
O6 NAG D . -3.12 1.01 21.89
O7 NAG D . -8.99 3.52 23.48
C1 NAG E . 20.60 -2.72 7.38
C2 NAG E . 21.71 -2.69 8.43
C3 NAG E . 21.62 -1.43 9.29
C4 NAG E . 21.51 -0.18 8.41
C5 NAG E . 20.37 -0.36 7.43
C6 NAG E . 20.18 0.81 6.49
C7 NAG E . 22.43 -4.94 9.14
C8 NAG E . 22.21 -6.06 10.10
N2 NAG E . 21.64 -3.87 9.29
O3 NAG E . 22.80 -1.34 10.09
O4 NAG E . 21.28 0.96 9.22
O5 NAG E . 20.62 -1.51 6.63
O6 NAG E . 18.97 0.69 5.76
O7 NAG E . 23.28 -4.99 8.25
C1 NAG F . -9.87 -13.81 -20.85
C2 NAG F . -9.65 -12.33 -21.13
C3 NAG F . -10.99 -11.60 -21.24
C4 NAG F . -11.90 -12.30 -22.25
C5 NAG F . -12.01 -13.79 -21.94
C6 NAG F . -12.77 -14.55 -23.01
C7 NAG F . -7.51 -11.55 -20.20
C8 NAG F . -6.83 -10.93 -19.02
N2 NAG F . -8.84 -11.73 -20.08
O3 NAG F . -10.76 -10.26 -21.64
O4 NAG F . -13.20 -11.72 -22.21
O5 NAG F . -10.69 -14.36 -21.87
O6 NAG F . -12.97 -15.91 -22.63
O7 NAG F . -6.90 -11.91 -21.20
C1 NAG G . -23.00 -3.42 1.67
C2 NAG G . -23.94 -3.31 2.89
C3 NAG G . -24.86 -2.10 2.74
C4 NAG G . -24.06 -0.84 2.47
C5 NAG G . -23.19 -1.05 1.24
C6 NAG G . -22.29 0.12 0.94
C7 NAG G . -24.41 -5.48 3.94
C8 NAG G . -25.34 -6.67 3.96
N2 NAG G . -24.71 -4.53 3.05
O3 NAG G . -25.62 -1.94 3.94
O4 NAG G . -24.94 0.25 2.23
O5 NAG G . -22.32 -2.17 1.46
O6 NAG G . -21.68 0.00 -0.35
O7 NAG G . -23.46 -5.39 4.70
C1 NAG H . 22.92 1.34 -13.15
C2 NAG H . 23.06 -0.20 -13.16
C3 NAG H . 24.45 -0.65 -12.65
C4 NAG H . 25.59 0.21 -13.17
C5 NAG H . 25.23 1.68 -12.99
C6 NAG H . 26.29 2.63 -13.49
C7 NAG H . 21.20 -1.75 -12.73
C8 NAG H . 20.21 -2.21 -11.71
N2 NAG H . 22.03 -0.79 -12.33
O3 NAG H . 24.65 -2.00 -13.05
O4 NAG H . 26.77 -0.07 -12.42
O5 NAG H . 24.05 1.94 -13.75
O6 NAG H . 27.42 2.63 -12.61
O7 NAG H . 21.23 -2.22 -13.87
PA FAD I . -1.80 -5.02 -2.89
O1A FAD I . -0.55 -4.53 -3.52
O2A FAD I . -3.04 -4.22 -3.15
O5B FAD I . -1.96 -6.52 -3.40
C5B FAD I . -3.18 -7.28 -3.20
C4B FAD I . -3.50 -7.90 -4.54
O4B FAD I . -4.48 -8.94 -4.32
C3B FAD I . -4.11 -6.94 -5.56
O3B FAD I . -3.38 -6.99 -6.79
C2B FAD I . -5.56 -7.41 -5.69
O2B FAD I . -6.11 -7.21 -6.99
C1B FAD I . -5.42 -8.89 -5.39
N9A FAD I . -6.61 -9.57 -4.91
C8A FAD I . -7.41 -9.20 -3.86
N7A FAD I . -8.37 -10.05 -3.58
C5A FAD I . -8.15 -11.09 -4.47
C6A FAD I . -8.82 -12.30 -4.69
N6A FAD I . -9.88 -12.71 -3.99
N1A FAD I . -8.35 -13.10 -5.67
C2A FAD I . -7.29 -12.71 -6.38
N3A FAD I . -6.57 -11.58 -6.26
C4A FAD I . -7.06 -10.81 -5.28
N1 FAD I . 3.06 3.27 -0.28
C2 FAD I . 4.32 3.79 -0.39
O2 FAD I . 5.27 3.31 0.24
N3 FAD I . 4.54 4.87 -1.21
C4 FAD I . 3.58 5.53 -1.98
O4 FAD I . 3.89 6.50 -2.67
C4X FAD I . 2.25 4.97 -1.87
N5 FAD I . 1.28 5.54 -2.55
C5X FAD I . 0.01 4.97 -2.47
C6 FAD I . -1.01 5.53 -3.24
C7 FAD I . -2.29 4.97 -3.21
C7M FAD I . -3.37 5.61 -4.04
C8 FAD I . -2.55 3.85 -2.42
C8M FAD I . -3.94 3.25 -2.35
C9 FAD I . -1.53 3.29 -1.65
C9A FAD I . -0.24 3.84 -1.69
N10 FAD I . 0.82 3.29 -0.94
C10 FAD I . 2.09 3.83 -1.01
C1' FAD I . 0.59 2.15 -0.04
C2' FAD I . 1.22 0.87 -0.52
O2' FAD I . 1.34 0.93 -1.93
C3' FAD I . 0.33 -0.29 -0.07
O3' FAD I . 0.15 -0.23 1.33
C4' FAD I . 0.91 -1.65 -0.44
O4' FAD I . 1.20 -1.63 -1.84
C5' FAD I . -0.09 -2.75 -0.15
O5' FAD I . 0.47 -4.01 -0.55
P FAD I . -0.34 -5.34 -0.40
O1P FAD I . 0.51 -6.47 -1.01
O2P FAD I . -0.79 -5.50 1.02
O3P FAD I . -1.63 -5.12 -1.32
#